data_7E4J
#
_entry.id   7E4J
#
_cell.length_a   34.660
_cell.length_b   34.660
_cell.length_c   162.227
_cell.angle_alpha   90.00
_cell.angle_beta   90.00
_cell.angle_gamma   90.00
#
_symmetry.space_group_name_H-M   'P 41'
#
loop_
_entity.id
_entity.type
_entity.pdbx_description
1 polymer Antitoxin
2 non-polymer 'ZINC ION'
3 water water
#
_entity_poly.entity_id   1
_entity_poly.type   'polypeptide(L)'
_entity_poly.pdbx_seq_one_letter_code
;MSAMVQIRNVPDELLHELKARAAAQRMSLSDFLLARLAEIAEEP
;
_entity_poly.pdbx_strand_id   A,B,C,D
#
# COMPACT_ATOMS: atom_id res chain seq x y z
N MET A 1 -20.11 -2.20 3.83
CA MET A 1 -20.47 -2.82 2.53
C MET A 1 -19.53 -2.35 1.42
N SER A 2 -19.59 -2.97 0.25
CA SER A 2 -18.65 -2.71 -0.89
C SER A 2 -19.33 -3.06 -2.21
N ALA A 3 -18.72 -2.64 -3.31
CA ALA A 3 -19.22 -2.87 -4.69
C ALA A 3 -18.06 -2.97 -5.67
N MET A 4 -18.25 -3.79 -6.69
CA MET A 4 -17.33 -3.92 -7.85
C MET A 4 -17.50 -2.69 -8.73
N VAL A 5 -16.37 -2.08 -9.15
CA VAL A 5 -16.35 -0.82 -9.94
C VAL A 5 -15.72 -1.19 -11.29
N GLN A 6 -16.37 -0.75 -12.38
CA GLN A 6 -15.96 -1.03 -13.76
C GLN A 6 -15.54 0.27 -14.42
N ILE A 7 -14.34 0.27 -14.99
CA ILE A 7 -13.74 1.42 -15.73
C ILE A 7 -13.75 1.02 -17.22
N ARG A 8 -14.51 1.78 -18.02
CA ARG A 8 -14.75 1.55 -19.46
C ARG A 8 -13.64 2.23 -20.26
N ASN A 9 -13.46 1.76 -21.50
CA ASN A 9 -12.59 2.39 -22.53
C ASN A 9 -11.17 2.51 -22.00
N VAL A 10 -10.67 1.49 -21.32
CA VAL A 10 -9.22 1.42 -20.97
C VAL A 10 -8.48 0.95 -22.22
N PRO A 11 -7.59 1.79 -22.81
CA PRO A 11 -6.81 1.37 -23.97
C PRO A 11 -5.87 0.19 -23.67
N ASP A 12 -5.67 -0.69 -24.64
CA ASP A 12 -4.81 -1.91 -24.51
C ASP A 12 -3.46 -1.57 -23.86
N GLU A 13 -2.76 -0.57 -24.39
CA GLU A 13 -1.38 -0.23 -23.93
C GLU A 13 -1.46 0.10 -22.43
N LEU A 14 -2.43 0.94 -22.05
CA LEU A 14 -2.59 1.35 -20.64
C LEU A 14 -2.87 0.09 -19.79
N LEU A 15 -3.77 -0.78 -20.22
CA LEU A 15 -4.13 -1.95 -19.38
C LEU A 15 -2.90 -2.84 -19.13
N HIS A 16 -2.11 -3.09 -20.16
CA HIS A 16 -0.88 -3.92 -20.03
C HIS A 16 0.12 -3.25 -19.10
N GLU A 17 0.23 -1.94 -19.15
CA GLU A 17 1.16 -1.18 -18.27
C GLU A 17 0.72 -1.38 -16.82
N LEU A 18 -0.57 -1.24 -16.55
CA LEU A 18 -1.10 -1.41 -15.18
C LEU A 18 -0.87 -2.86 -14.70
N LYS A 19 -1.16 -3.87 -15.53
CA LYS A 19 -1.01 -5.30 -15.15
C LYS A 19 0.48 -5.56 -14.79
N ALA A 20 1.42 -5.00 -15.53
CA ALA A 20 2.87 -5.12 -15.26
C ALA A 20 3.18 -4.49 -13.89
N ARG A 21 2.65 -3.32 -13.60
CA ARG A 21 2.85 -2.60 -12.31
C ARG A 21 2.28 -3.44 -11.15
N ALA A 22 1.13 -4.06 -11.35
CA ALA A 22 0.48 -4.87 -10.29
C ALA A 22 1.40 -6.06 -10.01
N ALA A 23 1.83 -6.76 -11.07
CA ALA A 23 2.68 -7.97 -11.00
C ALA A 23 4.01 -7.61 -10.33
N ALA A 24 4.57 -6.42 -10.60
CA ALA A 24 5.84 -5.95 -10.02
C ALA A 24 5.66 -5.87 -8.50
N GLN A 25 4.46 -5.51 -8.03
CA GLN A 25 4.14 -5.46 -6.57
C GLN A 25 3.61 -6.82 -6.05
N ARG A 26 3.59 -7.84 -6.90
CA ARG A 26 3.12 -9.23 -6.61
C ARG A 26 1.67 -9.18 -6.11
N MET A 27 0.83 -8.49 -6.87
CA MET A 27 -0.62 -8.29 -6.59
C MET A 27 -1.43 -8.53 -7.85
N SER A 28 -2.69 -8.91 -7.66
CA SER A 28 -3.72 -8.87 -8.72
C SER A 28 -3.89 -7.41 -9.19
N LEU A 29 -4.26 -7.20 -10.47
CA LEU A 29 -4.64 -5.86 -10.99
C LEU A 29 -5.66 -5.18 -10.05
N SER A 30 -6.71 -5.90 -9.65
CA SER A 30 -7.79 -5.37 -8.76
C SER A 30 -7.20 -4.90 -7.43
N ASP A 31 -6.36 -5.73 -6.78
CA ASP A 31 -5.75 -5.37 -5.46
C ASP A 31 -4.86 -4.14 -5.62
N PHE A 32 -4.09 -4.10 -6.72
CA PHE A 32 -3.13 -3.00 -6.99
C PHE A 32 -3.93 -1.70 -7.13
N LEU A 33 -4.99 -1.75 -7.94
CA LEU A 33 -5.80 -0.55 -8.27
C LEU A 33 -6.56 -0.10 -7.02
N LEU A 34 -7.09 -1.06 -6.27
CA LEU A 34 -7.81 -0.71 -5.03
C LEU A 34 -6.85 0.04 -4.09
N ALA A 35 -5.63 -0.45 -3.93
CA ALA A 35 -4.64 0.15 -3.00
C ALA A 35 -4.27 1.56 -3.46
N ARG A 36 -4.09 1.79 -4.77
CA ARG A 36 -3.67 3.11 -5.29
C ARG A 36 -4.82 4.12 -5.13
N LEU A 37 -6.04 3.68 -5.44
CA LEU A 37 -7.23 4.55 -5.28
C LEU A 37 -7.40 4.92 -3.81
N ALA A 38 -7.10 4.01 -2.90
CA ALA A 38 -7.24 4.28 -1.44
C ALA A 38 -6.20 5.33 -1.02
N GLU A 39 -4.97 5.23 -1.55
CA GLU A 39 -3.89 6.23 -1.30
C GLU A 39 -4.34 7.59 -1.84
N ILE A 40 -4.86 7.65 -3.07
CA ILE A 40 -5.35 8.90 -3.71
C ILE A 40 -6.40 9.56 -2.80
N ALA A 41 -7.39 8.79 -2.34
CA ALA A 41 -8.54 9.27 -1.54
C ALA A 41 -8.09 9.76 -0.16
N GLU A 42 -6.93 9.29 0.35
CA GLU A 42 -6.44 9.58 1.73
C GLU A 42 -5.76 10.95 1.80
N GLU A 43 -5.12 11.40 0.72
CA GLU A 43 -4.46 12.73 0.61
C GLU A 43 -5.51 13.79 0.30
N PRO A 44 -5.31 15.09 0.67
CA PRO A 44 -6.16 16.18 0.19
C PRO A 44 -5.96 16.50 -1.29
N MET B 1 10.85 -4.40 -8.43
CA MET B 1 9.74 -5.19 -7.86
C MET B 1 9.71 -5.01 -6.35
N SER B 2 8.59 -5.35 -5.73
CA SER B 2 8.32 -5.12 -4.30
C SER B 2 7.33 -6.13 -3.76
N ALA B 3 7.18 -6.12 -2.43
CA ALA B 3 6.28 -7.05 -1.71
C ALA B 3 5.64 -6.37 -0.52
N MET B 4 4.45 -6.85 -0.16
CA MET B 4 3.80 -6.62 1.15
C MET B 4 4.56 -7.47 2.19
N VAL B 5 4.83 -6.88 3.35
CA VAL B 5 5.40 -7.60 4.52
C VAL B 5 4.31 -7.60 5.60
N GLN B 6 4.09 -8.77 6.21
CA GLN B 6 3.05 -8.96 7.27
C GLN B 6 3.75 -9.26 8.59
N ILE B 7 3.45 -8.49 9.63
CA ILE B 7 3.98 -8.72 11.00
C ILE B 7 2.80 -9.16 11.86
N ARG B 8 2.80 -10.42 12.32
CA ARG B 8 1.72 -11.04 13.13
C ARG B 8 2.01 -10.78 14.61
N ASN B 9 0.96 -10.87 15.42
CA ASN B 9 1.03 -10.84 16.90
C ASN B 9 1.69 -9.55 17.35
N VAL B 10 1.33 -8.43 16.71
CA VAL B 10 1.69 -7.08 17.21
C VAL B 10 0.76 -6.77 18.39
N PRO B 11 1.31 -6.60 19.61
CA PRO B 11 0.52 -6.26 20.80
C PRO B 11 -0.22 -4.91 20.64
N ASP B 12 -1.44 -4.85 21.17
CA ASP B 12 -2.36 -3.69 20.96
C ASP B 12 -1.65 -2.37 21.33
N GLU B 13 -0.99 -2.32 22.49
CA GLU B 13 -0.32 -1.10 22.99
C GLU B 13 0.71 -0.66 21.92
N LEU B 14 1.53 -1.59 21.48
CA LEU B 14 2.57 -1.31 20.47
C LEU B 14 1.87 -0.79 19.22
N LEU B 15 0.80 -1.41 18.73
CA LEU B 15 0.18 -0.91 17.46
C LEU B 15 -0.21 0.58 17.60
N HIS B 16 -0.88 0.93 18.67
CA HIS B 16 -1.36 2.31 18.96
C HIS B 16 -0.13 3.24 19.07
N GLU B 17 0.96 2.80 19.69
CA GLU B 17 2.21 3.61 19.84
C GLU B 17 2.75 3.95 18.44
N LEU B 18 2.88 2.96 17.57
CA LEU B 18 3.37 3.20 16.18
C LEU B 18 2.40 4.12 15.43
N LYS B 19 1.09 3.89 15.50
CA LYS B 19 0.05 4.72 14.82
C LYS B 19 0.23 6.18 15.24
N ALA B 20 0.45 6.45 16.53
CA ALA B 20 0.62 7.80 17.07
C ALA B 20 1.90 8.41 16.49
N ARG B 21 2.99 7.61 16.44
CA ARG B 21 4.30 8.05 15.90
C ARG B 21 4.13 8.40 14.41
N ALA B 22 3.39 7.60 13.66
CA ALA B 22 3.24 7.80 12.18
C ALA B 22 2.43 9.11 12.01
N ALA B 23 1.36 9.30 12.77
CA ALA B 23 0.48 10.48 12.71
C ALA B 23 1.28 11.74 13.05
N ALA B 24 2.20 11.65 14.03
CA ALA B 24 3.04 12.77 14.47
C ALA B 24 3.93 13.19 13.28
N GLN B 25 4.32 12.24 12.42
CA GLN B 25 5.13 12.51 11.19
C GLN B 25 4.25 12.81 9.96
N ARG B 26 2.93 12.88 10.14
CA ARG B 26 1.93 13.14 9.06
C ARG B 26 2.08 12.08 7.95
N MET B 27 2.17 10.82 8.33
CA MET B 27 2.35 9.65 7.44
C MET B 27 1.36 8.56 7.81
N SER B 28 1.02 7.73 6.83
CA SER B 28 0.36 6.42 7.04
C SER B 28 1.31 5.55 7.89
N LEU B 29 0.75 4.64 8.72
CA LEU B 29 1.55 3.61 9.44
C LEU B 29 2.50 2.88 8.48
N SER B 30 2.00 2.42 7.32
CA SER B 30 2.80 1.66 6.30
C SER B 30 3.99 2.52 5.84
N ASP B 31 3.76 3.80 5.49
CA ASP B 31 4.84 4.69 4.98
C ASP B 31 5.86 4.94 6.09
N PHE B 32 5.37 5.14 7.32
CA PHE B 32 6.23 5.38 8.52
C PHE B 32 7.15 4.17 8.72
N LEU B 33 6.56 2.98 8.69
CA LEU B 33 7.28 1.72 8.97
C LEU B 33 8.28 1.46 7.82
N LEU B 34 7.84 1.70 6.59
CA LEU B 34 8.74 1.49 5.42
C LEU B 34 9.97 2.38 5.62
N ALA B 35 9.78 3.66 5.98
CA ALA B 35 10.89 4.63 6.07
C ALA B 35 11.86 4.23 7.19
N ARG B 36 11.34 3.77 8.32
CA ARG B 36 12.18 3.38 9.49
C ARG B 36 12.98 2.11 9.17
N LEU B 37 12.33 1.14 8.54
CA LEU B 37 13.01 -0.13 8.18
C LEU B 37 14.10 0.18 7.17
N ALA B 38 13.89 1.14 6.28
CA ALA B 38 14.92 1.51 5.27
C ALA B 38 16.12 2.14 5.98
N GLU B 39 15.89 3.00 6.97
CA GLU B 39 16.96 3.61 7.80
C GLU B 39 17.74 2.51 8.54
N ILE B 40 17.03 1.56 9.17
CA ILE B 40 17.65 0.43 9.91
C ILE B 40 18.59 -0.33 8.97
N ALA B 41 18.11 -0.69 7.78
CA ALA B 41 18.83 -1.52 6.78
C ALA B 41 20.06 -0.77 6.23
N GLU B 42 20.06 0.57 6.26
CA GLU B 42 21.12 1.42 5.63
C GLU B 42 22.36 1.51 6.52
N GLU B 43 22.21 1.43 7.85
CA GLU B 43 23.34 1.47 8.82
C GLU B 43 24.00 0.09 8.89
N PRO B 44 25.32 0.00 9.21
CA PRO B 44 25.97 -1.29 9.50
C PRO B 44 25.53 -1.87 10.84
N MET C 1 -8.14 0.21 -29.75
CA MET C 1 -8.57 -1.04 -29.02
C MET C 1 -8.71 -0.70 -27.53
N SER C 2 -9.67 -1.32 -26.85
CA SER C 2 -10.11 -0.93 -25.49
C SER C 2 -10.51 -2.17 -24.67
N ALA C 3 -10.56 -2.02 -23.35
CA ALA C 3 -10.81 -3.13 -22.40
C ALA C 3 -11.56 -2.63 -21.17
N MET C 4 -12.40 -3.50 -20.61
CA MET C 4 -13.03 -3.35 -19.28
C MET C 4 -11.97 -3.64 -18.22
N VAL C 5 -11.91 -2.83 -17.17
CA VAL C 5 -11.21 -3.17 -15.89
C VAL C 5 -12.28 -3.34 -14.81
N GLN C 6 -12.16 -4.38 -13.99
CA GLN C 6 -13.03 -4.62 -12.81
C GLN C 6 -12.19 -4.45 -11.55
N ILE C 7 -12.62 -3.59 -10.64
CA ILE C 7 -12.05 -3.47 -9.27
C ILE C 7 -13.11 -4.00 -8.30
N ARG C 8 -12.81 -5.13 -7.65
CA ARG C 8 -13.73 -5.84 -6.71
C ARG C 8 -13.61 -5.19 -5.33
N ASN C 9 -14.72 -5.17 -4.60
CA ASN C 9 -14.80 -4.89 -3.15
C ASN C 9 -14.21 -3.52 -2.85
N VAL C 10 -14.63 -2.52 -3.61
CA VAL C 10 -14.42 -1.09 -3.24
C VAL C 10 -15.37 -0.75 -2.09
N PRO C 11 -14.83 -0.44 -0.89
CA PRO C 11 -15.68 -0.10 0.27
C PRO C 11 -16.54 1.16 0.03
N ASP C 12 -17.77 1.18 0.52
CA ASP C 12 -18.73 2.30 0.31
C ASP C 12 -18.07 3.67 0.59
N GLU C 13 -17.36 3.79 1.71
CA GLU C 13 -16.69 5.04 2.16
C GLU C 13 -15.79 5.54 1.01
N LEU C 14 -14.95 4.64 0.50
CA LEU C 14 -14.00 5.00 -0.58
C LEU C 14 -14.79 5.34 -1.85
N LEU C 15 -15.80 4.55 -2.21
CA LEU C 15 -16.55 4.78 -3.46
C LEU C 15 -17.23 6.16 -3.39
N HIS C 16 -17.83 6.51 -2.26
CA HIS C 16 -18.49 7.83 -2.05
C HIS C 16 -17.46 8.94 -2.28
N GLU C 17 -16.25 8.76 -1.74
CA GLU C 17 -15.17 9.76 -1.86
C GLU C 17 -14.80 9.94 -3.34
N LEU C 18 -14.58 8.85 -4.05
CA LEU C 18 -14.23 8.90 -5.50
C LEU C 18 -15.34 9.59 -6.32
N LYS C 19 -16.60 9.23 -6.08
CA LYS C 19 -17.76 9.81 -6.83
C LYS C 19 -17.79 11.33 -6.60
N ALA C 20 -17.55 11.78 -5.38
CA ALA C 20 -17.52 13.22 -5.03
C ALA C 20 -16.39 13.91 -5.81
N ARG C 21 -15.21 13.29 -5.87
CA ARG C 21 -14.03 13.86 -6.58
C ARG C 21 -14.33 13.96 -8.06
N ALA C 22 -14.96 12.93 -8.64
CA ALA C 22 -15.27 12.91 -10.08
C ALA C 22 -16.24 14.07 -10.38
N ALA C 23 -17.31 14.16 -9.57
CA ALA C 23 -18.39 15.16 -9.74
C ALA C 23 -17.81 16.58 -9.61
N ALA C 24 -16.85 16.76 -8.68
CA ALA C 24 -16.20 18.07 -8.43
C ALA C 24 -15.46 18.49 -9.70
N GLN C 25 -14.92 17.53 -10.46
CA GLN C 25 -14.19 17.81 -11.72
C GLN C 25 -15.10 17.75 -12.95
N ARG C 26 -16.42 17.61 -12.74
CA ARG C 26 -17.45 17.53 -13.82
C ARG C 26 -17.10 16.38 -14.77
N MET C 27 -16.85 15.21 -14.19
CA MET C 27 -16.52 13.95 -14.93
C MET C 27 -17.40 12.83 -14.36
N SER C 28 -17.71 11.85 -15.21
CA SER C 28 -18.20 10.53 -14.78
C SER C 28 -17.16 9.88 -13.87
N LEU C 29 -17.57 9.03 -12.91
CA LEU C 29 -16.64 8.19 -12.09
C LEU C 29 -15.66 7.45 -13.02
N SER C 30 -16.15 6.82 -14.10
CA SER C 30 -15.32 6.05 -15.07
C SER C 30 -14.26 6.96 -15.68
N ASP C 31 -14.61 8.15 -16.18
CA ASP C 31 -13.64 9.08 -16.82
C ASP C 31 -12.63 9.58 -15.77
N PHE C 32 -13.09 9.87 -14.55
CA PHE C 32 -12.21 10.31 -13.44
C PHE C 32 -11.19 9.19 -13.13
N LEU C 33 -11.67 7.96 -13.02
CA LEU C 33 -10.81 6.78 -12.69
C LEU C 33 -9.89 6.49 -13.87
N LEU C 34 -10.35 6.62 -15.10
CA LEU C 34 -9.47 6.45 -16.29
C LEU C 34 -8.31 7.46 -16.19
N ALA C 35 -8.58 8.71 -15.78
CA ALA C 35 -7.53 9.75 -15.63
C ALA C 35 -6.53 9.34 -14.55
N ARG C 36 -7.01 8.79 -13.42
CA ARG C 36 -6.15 8.38 -12.29
C ARG C 36 -5.29 7.17 -12.67
N LEU C 37 -5.88 6.21 -13.37
CA LEU C 37 -5.19 5.01 -13.86
C LEU C 37 -4.07 5.45 -14.82
N ALA C 38 -4.31 6.47 -15.65
CA ALA C 38 -3.29 6.96 -16.60
C ALA C 38 -2.14 7.61 -15.81
N GLU C 39 -2.43 8.35 -14.75
CA GLU C 39 -1.40 8.96 -13.86
C GLU C 39 -0.58 7.85 -13.20
N ILE C 40 -1.23 6.81 -12.66
CA ILE C 40 -0.54 5.67 -11.99
C ILE C 40 0.46 5.05 -12.98
N ALA C 41 0.01 4.76 -14.20
CA ALA C 41 0.80 4.09 -15.26
C ALA C 41 1.97 4.96 -15.72
N GLU C 42 1.88 6.28 -15.59
CA GLU C 42 2.81 7.27 -16.21
C GLU C 42 4.08 7.44 -15.37
N GLU C 43 4.01 7.25 -14.05
CA GLU C 43 5.09 7.64 -13.08
C GLU C 43 6.26 6.67 -13.13
N PRO C 44 7.51 7.11 -12.83
CA PRO C 44 8.67 6.20 -12.79
C PRO C 44 8.68 5.37 -11.49
N MET D 1 -5.23 -8.15 23.33
CA MET D 1 -5.64 -7.97 21.91
C MET D 1 -4.37 -7.92 21.05
N SER D 2 -4.47 -8.39 19.80
CA SER D 2 -3.35 -8.47 18.85
C SER D 2 -3.81 -8.08 17.44
N ALA D 3 -2.84 -7.76 16.58
CA ALA D 3 -3.08 -7.40 15.17
C ALA D 3 -1.90 -7.86 14.31
N MET D 4 -2.20 -8.29 13.08
CA MET D 4 -1.20 -8.34 11.99
C MET D 4 -1.00 -6.91 11.48
N VAL D 5 0.25 -6.49 11.26
CA VAL D 5 0.58 -5.13 10.74
C VAL D 5 1.23 -5.33 9.37
N GLN D 6 0.77 -4.57 8.36
CA GLN D 6 1.14 -4.78 6.93
C GLN D 6 1.90 -3.55 6.44
N ILE D 7 3.10 -3.77 5.89
CA ILE D 7 3.94 -2.72 5.29
C ILE D 7 3.94 -2.97 3.77
N ARG D 8 3.37 -2.01 3.04
CA ARG D 8 3.07 -2.08 1.59
C ARG D 8 4.35 -1.71 0.82
N ASN D 9 4.52 -2.34 -0.34
CA ASN D 9 5.48 -1.96 -1.41
C ASN D 9 6.90 -1.91 -0.84
N VAL D 10 7.30 -2.94 -0.10
CA VAL D 10 8.70 -3.11 0.35
C VAL D 10 9.54 -3.57 -0.82
N PRO D 11 10.51 -2.73 -1.29
CA PRO D 11 11.36 -3.10 -2.43
C PRO D 11 12.21 -4.35 -2.18
N ASP D 12 12.43 -5.16 -3.21
CA ASP D 12 13.19 -6.44 -3.08
C ASP D 12 14.51 -6.25 -2.33
N GLU D 13 15.30 -5.24 -2.64
CA GLU D 13 16.64 -5.00 -2.06
C GLU D 13 16.46 -4.90 -0.53
N LEU D 14 15.51 -4.07 -0.12
CA LEU D 14 15.26 -3.87 1.31
C LEU D 14 14.82 -5.19 1.93
N LEU D 15 13.86 -5.88 1.33
CA LEU D 15 13.31 -7.10 1.96
C LEU D 15 14.41 -8.16 2.10
N HIS D 16 15.24 -8.31 1.07
CA HIS D 16 16.39 -9.26 1.05
C HIS D 16 17.34 -8.90 2.21
N GLU D 17 17.59 -7.61 2.44
CA GLU D 17 18.48 -7.12 3.53
C GLU D 17 17.88 -7.52 4.88
N LEU D 18 16.63 -7.27 5.07
CA LEU D 18 15.92 -7.59 6.35
C LEU D 18 15.97 -9.10 6.59
N LYS D 19 15.67 -9.93 5.60
CA LYS D 19 15.67 -11.41 5.71
C LYS D 19 17.05 -11.89 6.13
N ALA D 20 18.12 -11.33 5.58
CA ALA D 20 19.52 -11.65 5.90
C ALA D 20 19.75 -11.30 7.39
N ARG D 21 19.35 -10.13 7.82
CA ARG D 21 19.52 -9.67 9.23
C ARG D 21 18.78 -10.58 10.17
N ALA D 22 17.55 -10.98 9.81
CA ALA D 22 16.71 -11.81 10.73
C ALA D 22 17.44 -13.15 10.87
N ALA D 23 17.84 -13.74 9.74
CA ALA D 23 18.45 -15.08 9.65
C ALA D 23 19.80 -15.07 10.38
N ALA D 24 20.55 -13.96 10.29
CA ALA D 24 21.83 -13.80 11.01
C ALA D 24 21.58 -13.89 12.53
N GLN D 25 20.45 -13.38 12.97
CA GLN D 25 20.08 -13.42 14.44
C GLN D 25 19.29 -14.66 14.80
N ARG D 26 19.16 -15.64 13.89
CA ARG D 26 18.39 -16.91 14.12
C ARG D 26 16.93 -16.58 14.54
N MET D 27 16.30 -15.70 13.75
CA MET D 27 14.90 -15.26 13.96
C MET D 27 14.15 -15.37 12.64
N SER D 28 12.85 -15.66 12.69
CA SER D 28 11.93 -15.41 11.54
C SER D 28 11.95 -13.91 11.21
N LEU D 29 11.73 -13.53 9.95
CA LEU D 29 11.56 -12.10 9.54
C LEU D 29 10.51 -11.43 10.42
N SER D 30 9.34 -12.06 10.64
CA SER D 30 8.24 -11.51 11.45
C SER D 30 8.73 -11.24 12.88
N ASP D 31 9.39 -12.19 13.52
CA ASP D 31 9.85 -12.03 14.93
C ASP D 31 10.94 -10.94 15.00
N PHE D 32 11.83 -10.90 14.00
CA PHE D 32 12.92 -9.89 13.92
C PHE D 32 12.27 -8.49 13.82
N LEU D 33 11.30 -8.35 12.92
CA LEU D 33 10.64 -7.06 12.65
C LEU D 33 9.78 -6.68 13.86
N LEU D 34 9.13 -7.63 14.51
CA LEU D 34 8.35 -7.34 15.73
C LEU D 34 9.29 -6.73 16.79
N ALA D 35 10.49 -7.29 16.95
CA ALA D 35 11.53 -6.78 17.88
C ALA D 35 11.94 -5.34 17.51
N ARG D 36 12.10 -5.05 16.23
CA ARG D 36 12.54 -3.72 15.74
C ARG D 36 11.40 -2.71 15.92
N LEU D 37 10.15 -3.08 15.65
CA LEU D 37 8.93 -2.28 15.90
C LEU D 37 8.91 -1.87 17.40
N ALA D 38 9.23 -2.82 18.28
CA ALA D 38 9.21 -2.55 19.74
C ALA D 38 10.31 -1.53 20.09
N GLU D 39 11.49 -1.66 19.47
CA GLU D 39 12.61 -0.71 19.63
C GLU D 39 12.21 0.68 19.14
N ILE D 40 11.59 0.77 17.96
CA ILE D 40 11.11 2.06 17.35
C ILE D 40 10.21 2.77 18.36
N ALA D 41 9.21 2.04 18.89
CA ALA D 41 8.19 2.59 19.81
C ALA D 41 8.80 3.03 21.15
N GLU D 42 9.94 2.47 21.55
CA GLU D 42 10.53 2.62 22.90
C GLU D 42 11.34 3.91 23.02
N GLU D 43 11.93 4.41 21.92
CA GLU D 43 12.95 5.50 21.93
C GLU D 43 12.29 6.86 22.12
N PRO D 44 12.99 7.87 22.71
CA PRO D 44 12.49 9.25 22.72
C PRO D 44 12.58 9.93 21.35
#